data_5V6B
#
_entry.id   5V6B
#
_cell.length_a   45.396
_cell.length_b   77.625
_cell.length_c   80.346
_cell.angle_alpha   90.00
_cell.angle_beta   89.95
_cell.angle_gamma   90.00
#
_symmetry.space_group_name_H-M   'P 1 21 1'
#
loop_
_entity.id
_entity.type
_entity.pdbx_description
1 polymer 'PDZ domain-containing protein GIPC1'
2 water water
#
_entity_poly.entity_id   1
_entity_poly.type   'polypeptide(L)'
_entity_poly.pdbx_seq_one_letter_code
;GPHMAALRPRLVFHTQLAHGSPTGRIEGFTNVKELYGKIAEAFRLPAAEVMFCTLNTHKVDMDKLLGGQIGLEDFIFAHV
KGQRKEVEVFKSEEALGLTITDNGAGYAFIKRIKEGSVIDHIQLISVGDMIEAINGQSLLGCRHYEVARLLKELPRGRTF
TLKLTEPRKAFDMISQRSAGGHPGSGPQLGTGRGTLRLRSRGPATVEDLPSAFEEKAIEKVDDLLESYMGIRDTELAATM
VELGKDKRNPDELAEALDERLGDFAFPDEFVFDVWGAIGD
;
_entity_poly.pdbx_strand_id   A,B
#
# COMPACT_ATOMS: atom_id res chain seq x y z
N GLY A 1 -4.75 -7.50 20.65
CA GLY A 1 -5.51 -8.35 19.74
C GLY A 1 -5.57 -7.81 18.33
N PRO A 2 -5.95 -8.66 17.36
CA PRO A 2 -5.93 -8.31 15.94
C PRO A 2 -7.21 -7.60 15.45
N HIS A 3 -8.13 -7.30 16.35
CA HIS A 3 -9.30 -6.52 15.96
C HIS A 3 -8.85 -5.16 15.43
N MET A 4 -9.45 -4.72 14.34
CA MET A 4 -9.05 -3.48 13.69
C MET A 4 -8.95 -2.32 14.69
N ALA A 5 -9.84 -2.31 15.68
CA ALA A 5 -9.88 -1.23 16.64
C ALA A 5 -8.76 -1.30 17.68
N ALA A 6 -8.20 -2.49 17.88
CA ALA A 6 -7.19 -2.70 18.91
C ALA A 6 -5.77 -2.77 18.36
N LEU A 7 -5.57 -2.37 17.11
CA LEU A 7 -4.27 -2.50 16.46
C LEU A 7 -3.27 -1.43 16.87
N ARG A 8 -3.64 -0.16 16.73
CA ARG A 8 -2.74 0.95 17.05
C ARG A 8 -3.37 1.93 18.00
N PRO A 9 -2.62 2.34 19.02
CA PRO A 9 -3.15 3.34 19.94
C PRO A 9 -3.21 4.72 19.29
N ARG A 10 -2.24 5.03 18.44
CA ARG A 10 -2.15 6.34 17.77
C ARG A 10 -1.75 6.17 16.32
N LEU A 11 -2.19 7.10 15.47
CA LEU A 11 -1.80 7.12 14.07
C LEU A 11 -0.92 8.34 13.81
N VAL A 12 0.39 8.10 13.77
CA VAL A 12 1.36 9.16 13.54
C VAL A 12 1.75 9.18 12.06
N PHE A 13 1.71 10.36 11.45
CA PHE A 13 2.14 10.54 10.07
C PHE A 13 3.29 11.54 9.94
N HIS A 14 4.10 11.36 8.90
CA HIS A 14 5.19 12.28 8.61
C HIS A 14 4.74 13.26 7.54
N THR A 15 5.30 14.46 7.58
CA THR A 15 4.93 15.52 6.64
C THR A 15 6.10 16.48 6.33
N GLN A 16 6.10 16.97 5.09
CA GLN A 16 7.00 18.05 4.66
C GLN A 16 6.21 19.11 3.91
N LEU A 17 6.67 20.34 3.93
CA LEU A 17 6.13 21.35 3.03
C LEU A 17 6.64 21.05 1.63
N ALA A 18 5.79 21.18 0.63
CA ALA A 18 6.12 20.69 -0.70
C ALA A 18 7.25 21.46 -1.37
N HIS A 19 7.49 22.69 -0.93
CA HIS A 19 8.54 23.52 -1.50
C HIS A 19 9.89 23.33 -0.80
N GLY A 20 9.93 22.43 0.18
CA GLY A 20 11.15 22.10 0.90
C GLY A 20 11.06 22.39 2.38
N SER A 21 11.23 21.35 3.19
CA SER A 21 11.28 21.53 4.63
C SER A 21 11.88 20.31 5.28
N PRO A 22 12.24 20.44 6.56
CA PRO A 22 12.52 19.23 7.33
C PRO A 22 11.26 18.43 7.51
N THR A 23 11.38 17.21 8.02
CA THR A 23 10.21 16.38 8.25
C THR A 23 9.61 16.62 9.62
N GLY A 24 8.30 16.78 9.67
CA GLY A 24 7.60 16.91 10.93
C GLY A 24 6.70 15.72 11.19
N ARG A 25 6.33 15.50 12.44
CA ARG A 25 5.43 14.41 12.79
CA ARG A 25 5.44 14.40 12.80
C ARG A 25 4.14 14.94 13.40
N ILE A 26 3.01 14.49 12.86
CA ILE A 26 1.71 14.94 13.33
C ILE A 26 0.78 13.80 13.75
N GLU A 27 -0.13 14.11 14.68
CA GLU A 27 -1.08 13.13 15.19
C GLU A 27 -2.26 13.87 15.79
N GLY A 28 -3.45 13.26 15.75
CA GLY A 28 -4.59 13.78 16.49
C GLY A 28 -5.74 14.36 15.69
N PHE A 29 -5.54 14.57 14.39
CA PHE A 29 -6.57 15.15 13.53
C PHE A 29 -7.66 14.15 13.19
N THR A 30 -8.89 14.63 13.09
CA THR A 30 -10.03 13.78 12.77
C THR A 30 -10.74 14.26 11.50
N ASN A 31 -10.22 15.34 10.91
CA ASN A 31 -10.70 15.86 9.62
C ASN A 31 -9.59 16.64 8.92
N VAL A 32 -9.83 17.04 7.68
CA VAL A 32 -8.84 17.83 6.90
C VAL A 32 -8.50 19.17 7.53
N LYS A 33 -9.50 19.88 8.06
CA LYS A 33 -9.25 21.12 8.76
C LYS A 33 -8.20 20.90 9.84
N GLU A 34 -8.43 19.89 10.68
CA GLU A 34 -7.54 19.59 11.79
C GLU A 34 -6.19 19.10 11.30
N LEU A 35 -6.19 18.38 10.19
CA LEU A 35 -4.94 17.97 9.58
C LEU A 35 -4.11 19.18 9.13
N TYR A 36 -4.76 20.14 8.46
CA TYR A 36 -4.04 21.31 7.97
C TYR A 36 -3.51 22.12 9.14
N GLY A 37 -4.28 22.17 10.21
CA GLY A 37 -3.88 22.86 11.44
C GLY A 37 -2.68 22.21 12.08
N LYS A 38 -2.67 20.88 12.19
CA LYS A 38 -1.55 20.17 12.78
C LYS A 38 -0.27 20.32 11.97
N ILE A 39 -0.41 20.41 10.66
CA ILE A 39 0.72 20.61 9.78
C ILE A 39 1.26 22.02 9.91
N ALA A 40 0.36 22.99 9.93
CA ALA A 40 0.74 24.39 10.10
C ALA A 40 1.46 24.56 11.43
N GLU A 41 0.90 23.97 12.48
CA GLU A 41 1.51 24.01 13.80
C GLU A 41 2.95 23.49 13.77
N ALA A 42 3.14 22.35 13.12
CA ALA A 42 4.44 21.67 13.09
C ALA A 42 5.52 22.55 12.45
N PHE A 43 5.11 23.40 11.50
CA PHE A 43 6.08 24.23 10.80
C PHE A 43 5.97 25.72 11.17
N ARG A 44 5.20 26.01 12.22
CA ARG A 44 5.06 27.36 12.76
C ARG A 44 4.48 28.31 11.74
N LEU A 45 3.36 27.93 11.14
CA LEU A 45 2.69 28.77 10.17
C LEU A 45 1.26 29.03 10.62
N PRO A 46 0.66 30.12 10.14
CA PRO A 46 -0.78 30.29 10.29
C PRO A 46 -1.48 29.15 9.56
N ALA A 47 -2.60 28.67 10.08
CA ALA A 47 -3.31 27.56 9.46
C ALA A 47 -3.81 27.92 8.06
N ALA A 48 -4.12 29.20 7.86
CA ALA A 48 -4.64 29.65 6.58
C ALA A 48 -3.61 29.55 5.45
N GLU A 49 -2.34 29.31 5.79
CA GLU A 49 -1.29 29.19 4.77
C GLU A 49 -1.33 27.85 4.00
N VAL A 50 -1.84 26.80 4.63
CA VAL A 50 -1.91 25.49 4.00
C VAL A 50 -3.01 25.46 2.94
N MET A 51 -2.63 25.13 1.71
CA MET A 51 -3.60 25.06 0.63
C MET A 51 -4.18 23.67 0.46
N PHE A 52 -3.32 22.71 0.17
CA PHE A 52 -3.73 21.32 0.03
C PHE A 52 -2.56 20.36 0.24
N CYS A 53 -2.87 19.07 0.31
CA CYS A 53 -1.87 18.03 0.53
C CYS A 53 -1.82 17.03 -0.62
N THR A 54 -0.62 16.62 -1.00
CA THR A 54 -0.45 15.51 -1.93
C THR A 54 0.17 14.33 -1.17
N LEU A 55 -0.08 13.11 -1.61
CA LEU A 55 0.49 11.95 -0.92
C LEU A 55 1.69 11.39 -1.68
N ASN A 56 2.81 11.27 -0.97
CA ASN A 56 4.00 10.57 -1.45
C ASN A 56 4.74 11.25 -2.62
N THR A 57 4.36 12.50 -2.89
CA THR A 57 5.10 13.35 -3.83
C THR A 57 4.96 14.80 -3.42
N HIS A 58 6.03 15.56 -3.65
CA HIS A 58 6.04 16.99 -3.38
C HIS A 58 5.49 17.79 -4.56
N LYS A 59 5.34 17.12 -5.70
CA LYS A 59 4.92 17.79 -6.92
C LYS A 59 3.42 18.10 -6.86
N VAL A 60 2.97 19.09 -7.65
CA VAL A 60 1.52 19.29 -7.80
C VAL A 60 0.94 18.22 -8.72
N ASP A 61 0.76 17.02 -8.16
CA ASP A 61 0.29 15.85 -8.89
C ASP A 61 -1.12 15.55 -8.40
N MET A 62 -2.13 15.88 -9.21
CA MET A 62 -3.51 15.75 -8.74
C MET A 62 -3.98 14.30 -8.63
N ASP A 63 -3.30 13.39 -9.32
CA ASP A 63 -3.57 11.95 -9.18
C ASP A 63 -3.23 11.46 -7.78
N LYS A 64 -2.41 12.24 -7.09
CA LYS A 64 -1.95 11.84 -5.77
C LYS A 64 -2.38 12.86 -4.75
N LEU A 65 -3.39 13.63 -5.12
CA LEU A 65 -3.97 14.59 -4.20
C LEU A 65 -4.69 13.83 -3.10
N LEU A 66 -4.59 14.32 -1.88
CA LEU A 66 -5.39 13.78 -0.78
C LEU A 66 -6.86 13.64 -1.20
N GLY A 67 -7.43 12.47 -1.03
CA GLY A 67 -8.80 12.28 -1.43
C GLY A 67 -9.58 11.41 -0.46
N GLY A 68 -9.40 11.64 0.83
CA GLY A 68 -10.18 10.94 1.85
C GLY A 68 -9.52 9.73 2.46
N GLN A 69 -8.33 9.36 1.96
CA GLN A 69 -7.63 8.18 2.44
C GLN A 69 -6.16 8.49 2.76
N ILE A 70 -5.71 8.07 3.93
CA ILE A 70 -4.27 8.10 4.22
C ILE A 70 -3.83 6.72 4.67
N GLY A 71 -3.06 6.04 3.82
CA GLY A 71 -2.69 4.65 4.03
C GLY A 71 -1.73 4.42 5.18
N LEU A 72 -1.86 3.29 5.84
CA LEU A 72 -0.95 2.97 6.93
C LEU A 72 0.12 1.99 6.49
N GLU A 73 1.14 1.84 7.33
CA GLU A 73 2.18 0.84 7.18
C GLU A 73 1.67 -0.58 7.47
N ASP A 74 2.39 -1.58 7.00
CA ASP A 74 2.07 -2.98 7.26
C ASP A 74 2.15 -3.31 8.74
N PHE A 75 1.19 -4.10 9.21
CA PHE A 75 1.17 -4.56 10.60
C PHE A 75 1.83 -5.93 10.66
N ILE A 76 2.73 -6.11 11.60
CA ILE A 76 3.55 -7.31 11.64
C ILE A 76 3.06 -8.29 12.71
N PHE A 77 2.62 -9.47 12.30
CA PHE A 77 2.27 -10.52 13.26
C PHE A 77 3.38 -11.56 13.32
N ALA A 78 3.89 -11.77 14.53
CA ALA A 78 4.96 -12.72 14.76
C ALA A 78 4.39 -14.05 15.24
N HIS A 79 4.72 -15.12 14.53
CA HIS A 79 4.31 -16.46 14.92
C HIS A 79 5.40 -17.11 15.72
N VAL A 80 5.07 -17.60 16.92
CA VAL A 80 6.08 -18.13 17.83
C VAL A 80 5.90 -19.61 18.13
N LYS A 81 6.97 -20.25 18.58
CA LYS A 81 6.99 -21.69 18.77
C LYS A 81 5.87 -22.18 19.69
N GLY A 82 5.14 -23.19 19.23
CA GLY A 82 4.08 -23.78 20.01
C GLY A 82 4.32 -25.25 20.21
N GLN A 83 3.31 -26.06 19.88
CA GLN A 83 3.31 -27.49 20.20
C GLN A 83 4.33 -28.29 19.41
N ARG A 84 5.08 -29.14 20.11
CA ARG A 84 6.05 -30.01 19.45
CA ARG A 84 6.05 -30.00 19.44
C ARG A 84 5.42 -31.35 19.06
N LYS A 85 5.78 -31.84 17.88
CA LYS A 85 5.28 -33.10 17.35
C LYS A 85 6.41 -33.94 16.77
N GLU A 86 6.29 -35.26 16.92
CA GLU A 86 7.14 -36.19 16.19
C GLU A 86 6.26 -37.04 15.29
N VAL A 87 6.62 -37.11 14.01
CA VAL A 87 5.79 -37.78 13.00
C VAL A 87 6.62 -38.74 12.15
N GLU A 88 6.27 -40.02 12.17
CA GLU A 88 6.98 -41.01 11.38
C GLU A 88 6.29 -41.26 10.04
N VAL A 89 7.08 -41.27 8.96
CA VAL A 89 6.55 -41.35 7.61
C VAL A 89 7.35 -42.33 6.77
N PHE A 90 6.66 -43.10 5.93
CA PHE A 90 7.33 -43.96 4.97
C PHE A 90 7.73 -43.14 3.75
N LYS A 91 9.01 -43.21 3.40
CA LYS A 91 9.46 -42.60 2.17
C LYS A 91 9.21 -43.60 1.05
N SER A 92 8.47 -43.15 0.04
CA SER A 92 8.18 -43.95 -1.14
C SER A 92 8.92 -43.35 -2.32
N GLU A 93 8.79 -43.96 -3.49
CA GLU A 93 9.43 -43.42 -4.68
C GLU A 93 8.92 -42.03 -5.01
N GLU A 94 7.62 -41.84 -4.91
CA GLU A 94 7.03 -40.57 -5.37
C GLU A 94 7.37 -39.43 -4.40
N ALA A 95 7.25 -38.20 -4.90
CA ALA A 95 7.50 -37.00 -4.10
C ALA A 95 6.52 -36.91 -2.94
N LEU A 96 7.00 -36.45 -1.80
CA LEU A 96 6.18 -36.35 -0.61
C LEU A 96 5.02 -35.37 -0.79
N GLY A 97 5.19 -34.37 -1.65
CA GLY A 97 4.15 -33.38 -1.91
C GLY A 97 4.24 -32.17 -0.99
N LEU A 98 5.46 -31.70 -0.76
CA LEU A 98 5.77 -30.70 0.25
C LEU A 98 6.55 -29.55 -0.35
N THR A 99 6.16 -28.31 -0.05
CA THR A 99 6.97 -27.15 -0.45
C THR A 99 7.51 -26.41 0.77
N ILE A 100 8.82 -26.24 0.80
CA ILE A 100 9.52 -25.72 1.97
C ILE A 100 9.94 -24.26 1.78
N THR A 101 9.79 -23.45 2.82
CA THR A 101 10.33 -22.11 2.81
C THR A 101 11.17 -21.94 4.08
N ASP A 102 11.67 -20.74 4.35
CA ASP A 102 12.32 -20.51 5.63
C ASP A 102 12.18 -19.05 6.05
N ASN A 103 12.57 -18.77 7.28
CA ASN A 103 12.36 -17.44 7.82
C ASN A 103 13.55 -16.53 7.56
N GLY A 104 14.47 -16.99 6.72
CA GLY A 104 15.64 -16.21 6.35
C GLY A 104 16.65 -16.10 7.46
N ALA A 105 16.43 -16.87 8.53
CA ALA A 105 17.27 -16.84 9.72
C ALA A 105 17.46 -18.21 10.36
N GLY A 106 17.34 -19.29 9.59
CA GLY A 106 17.71 -20.60 10.11
C GLY A 106 16.58 -21.56 10.46
N TYR A 107 15.34 -21.13 10.29
CA TYR A 107 14.21 -22.02 10.50
C TYR A 107 13.52 -22.33 9.20
N ALA A 108 13.47 -23.60 8.81
CA ALA A 108 12.71 -24.02 7.65
C ALA A 108 11.31 -24.46 8.06
N PHE A 109 10.30 -24.10 7.28
CA PHE A 109 8.97 -24.53 7.61
C PHE A 109 8.14 -24.82 6.37
N ILE A 110 7.01 -25.49 6.57
CA ILE A 110 6.19 -25.96 5.47
C ILE A 110 5.28 -24.84 4.95
N LYS A 111 5.44 -24.49 3.69
CA LYS A 111 4.61 -23.43 3.11
C LYS A 111 3.39 -23.99 2.36
N ARG A 112 3.56 -25.13 1.72
CA ARG A 112 2.48 -25.77 0.97
C ARG A 112 2.49 -27.28 1.16
N ILE A 113 1.30 -27.88 1.08
CA ILE A 113 1.15 -29.34 1.02
C ILE A 113 0.18 -29.69 -0.10
N LYS A 114 0.64 -30.53 -1.02
CA LYS A 114 -0.14 -30.92 -2.18
C LYS A 114 -1.29 -31.81 -1.77
N GLU A 115 -2.51 -31.43 -2.14
CA GLU A 115 -3.68 -32.28 -1.93
C GLU A 115 -3.46 -33.66 -2.53
N GLY A 116 -3.73 -34.69 -1.74
CA GLY A 116 -3.63 -36.05 -2.23
C GLY A 116 -2.24 -36.65 -2.06
N SER A 117 -1.32 -35.85 -1.56
CA SER A 117 0.06 -36.31 -1.40
C SER A 117 0.24 -37.23 -0.21
N VAL A 118 1.39 -37.91 -0.18
CA VAL A 118 1.84 -38.65 0.99
C VAL A 118 1.67 -37.80 2.26
N ILE A 119 2.07 -36.54 2.18
CA ILE A 119 2.03 -35.66 3.35
C ILE A 119 0.59 -35.21 3.67
N ASP A 120 -0.20 -34.94 2.64
CA ASP A 120 -1.58 -34.52 2.83
C ASP A 120 -2.42 -35.58 3.53
N HIS A 121 -2.05 -36.84 3.33
CA HIS A 121 -2.78 -37.95 3.90
C HIS A 121 -2.27 -38.30 5.30
N ILE A 122 -1.40 -37.46 5.82
CA ILE A 122 -0.92 -37.56 7.19
C ILE A 122 -1.33 -36.28 7.91
N GLN A 123 -2.53 -36.27 8.49
CA GLN A 123 -3.10 -35.01 8.97
C GLN A 123 -2.32 -34.43 10.16
N LEU A 124 -1.36 -35.19 10.69
CA LEU A 124 -0.50 -34.72 11.77
C LEU A 124 0.46 -33.60 11.36
N ILE A 125 0.62 -33.41 10.06
CA ILE A 125 1.54 -32.41 9.51
C ILE A 125 0.74 -31.24 8.93
N SER A 126 1.14 -30.01 9.26
CA SER A 126 0.40 -28.83 8.80
C SER A 126 1.29 -27.76 8.16
N VAL A 127 0.71 -27.00 7.25
CA VAL A 127 1.33 -25.76 6.76
C VAL A 127 1.69 -24.86 7.95
N GLY A 128 2.91 -24.33 7.96
CA GLY A 128 3.36 -23.48 9.05
C GLY A 128 4.27 -24.19 10.04
N ASP A 129 4.20 -25.52 10.05
CA ASP A 129 5.07 -26.32 10.91
C ASP A 129 6.51 -26.15 10.49
N MET A 130 7.39 -25.87 11.44
CA MET A 130 8.82 -25.83 11.14
C MET A 130 9.43 -27.19 11.42
N ILE A 131 10.44 -27.53 10.62
CA ILE A 131 11.08 -28.81 10.74
C ILE A 131 12.37 -28.69 11.52
N GLU A 132 12.37 -29.20 12.74
CA GLU A 132 13.52 -29.06 13.60
C GLU A 132 14.53 -30.18 13.37
N ALA A 133 14.04 -31.36 12.97
CA ALA A 133 14.90 -32.53 12.75
C ALA A 133 14.32 -33.51 11.75
N ILE A 134 15.22 -34.21 11.04
CA ILE A 134 14.86 -35.38 10.25
C ILE A 134 15.68 -36.53 10.80
N ASN A 135 15.01 -37.60 11.22
CA ASN A 135 15.67 -38.74 11.82
C ASN A 135 16.59 -38.34 12.99
N GLY A 136 16.17 -37.33 13.75
CA GLY A 136 16.94 -36.85 14.89
C GLY A 136 18.06 -35.86 14.57
N GLN A 137 18.40 -35.72 13.29
CA GLN A 137 19.44 -34.78 12.89
C GLN A 137 18.89 -33.37 12.81
N SER A 138 19.45 -32.47 13.60
CA SER A 138 18.95 -31.10 13.68
C SER A 138 19.07 -30.36 12.35
N LEU A 139 18.02 -29.62 12.01
CA LEU A 139 17.98 -28.85 10.78
C LEU A 139 17.95 -27.37 11.09
N LEU A 140 18.14 -27.05 12.35
CA LEU A 140 18.21 -25.68 12.79
C LEU A 140 19.43 -25.06 12.11
N GLY A 141 19.23 -23.94 11.42
CA GLY A 141 20.30 -23.28 10.69
C GLY A 141 20.36 -23.66 9.21
N CYS A 142 19.57 -24.66 8.81
CA CYS A 142 19.47 -25.05 7.42
C CYS A 142 18.65 -24.06 6.62
N ARG A 143 18.93 -24.00 5.31
CA ARG A 143 18.09 -23.23 4.40
C ARG A 143 17.02 -24.13 3.80
N HIS A 144 15.94 -23.51 3.33
CA HIS A 144 14.82 -24.21 2.71
C HIS A 144 15.22 -25.19 1.60
N TYR A 145 16.12 -24.78 0.71
CA TYR A 145 16.49 -25.61 -0.43
C TYR A 145 17.28 -26.83 0.03
N GLU A 146 17.94 -26.69 1.17
CA GLU A 146 18.72 -27.78 1.75
C GLU A 146 17.79 -28.79 2.40
N VAL A 147 16.73 -28.32 3.04
CA VAL A 147 15.76 -29.21 3.65
C VAL A 147 14.96 -29.91 2.55
N ALA A 148 14.57 -29.16 1.53
CA ALA A 148 13.85 -29.73 0.39
C ALA A 148 14.65 -30.86 -0.25
N ARG A 149 15.96 -30.64 -0.38
CA ARG A 149 16.86 -31.60 -0.99
C ARG A 149 17.01 -32.85 -0.13
N LEU A 150 17.13 -32.66 1.18
CA LEU A 150 17.22 -33.80 2.09
C LEU A 150 15.97 -34.66 2.01
N LEU A 151 14.81 -34.01 1.97
CA LEU A 151 13.54 -34.71 1.91
C LEU A 151 13.42 -35.45 0.59
N LYS A 152 13.90 -34.82 -0.48
CA LYS A 152 13.89 -35.45 -1.80
C LYS A 152 14.76 -36.71 -1.82
N GLU A 153 15.91 -36.67 -1.15
CA GLU A 153 16.91 -37.72 -1.29
C GLU A 153 16.79 -38.82 -0.25
N LEU A 154 15.74 -38.77 0.57
CA LEU A 154 15.55 -39.77 1.62
C LEU A 154 15.47 -41.15 0.99
N PRO A 155 16.10 -42.14 1.62
N PRO A 155 16.10 -42.14 1.62
CA PRO A 155 16.10 -43.52 1.12
CA PRO A 155 16.11 -43.51 1.09
C PRO A 155 14.68 -44.07 0.97
C PRO A 155 14.69 -44.07 0.97
N ARG A 156 14.35 -44.53 -0.22
CA ARG A 156 13.03 -45.12 -0.50
C ARG A 156 12.72 -46.32 0.40
N GLY A 157 11.48 -46.40 0.87
CA GLY A 157 11.04 -47.56 1.63
C GLY A 157 11.31 -47.47 3.12
N ARG A 158 12.29 -46.68 3.51
CA ARG A 158 12.60 -46.53 4.92
C ARG A 158 11.67 -45.49 5.53
N THR A 159 11.28 -45.71 6.78
CA THR A 159 10.58 -44.68 7.52
C THR A 159 11.54 -43.57 7.84
N PHE A 160 11.03 -42.34 7.92
CA PHE A 160 11.80 -41.26 8.51
C PHE A 160 10.93 -40.60 9.55
N THR A 161 11.54 -39.98 10.54
CA THR A 161 10.77 -39.26 11.54
C THR A 161 11.04 -37.74 11.47
N LEU A 162 9.96 -36.96 11.44
CA LEU A 162 10.06 -35.51 11.50
C LEU A 162 9.80 -34.99 12.92
N LYS A 163 10.75 -34.22 13.43
CA LYS A 163 10.57 -33.42 14.63
C LYS A 163 10.05 -32.03 14.21
N LEU A 164 8.81 -31.72 14.57
CA LEU A 164 8.13 -30.51 14.11
C LEU A 164 7.67 -29.62 15.25
N THR A 165 7.64 -28.32 15.00
CA THR A 165 7.08 -27.38 15.95
C THR A 165 6.05 -26.51 15.27
N GLU A 166 4.80 -26.63 15.72
CA GLU A 166 3.71 -25.76 15.29
C GLU A 166 3.82 -24.37 15.88
N PRO A 167 3.51 -23.34 15.08
CA PRO A 167 3.34 -22.03 15.72
C PRO A 167 2.15 -22.03 16.67
N ARG A 168 2.22 -21.28 17.75
CA ARG A 168 1.05 -21.08 18.59
C ARG A 168 -0.02 -20.39 17.76
N LYS A 169 -1.26 -20.88 17.84
CA LYS A 169 -2.34 -20.29 17.07
C LYS A 169 -3.43 -19.71 17.96
N ALA A 170 -4.17 -18.74 17.44
CA ALA A 170 -5.35 -18.19 18.11
C ALA A 170 -6.55 -19.14 17.94
N PHE A 171 -7.45 -19.15 18.92
CA PHE A 171 -8.60 -20.08 18.95
C PHE A 171 -9.30 -20.25 17.60
N GLY A 190 -7.35 -9.07 -0.80
CA GLY A 190 -6.43 -7.95 -0.66
C GLY A 190 -5.32 -8.24 0.32
N THR A 191 -4.50 -7.24 0.60
CA THR A 191 -3.39 -7.40 1.54
C THR A 191 -3.83 -7.33 3.00
N GLY A 192 -4.93 -6.65 3.26
CA GLY A 192 -5.39 -6.49 4.62
C GLY A 192 -4.75 -5.28 5.30
N ARG A 193 -3.91 -4.56 4.55
CA ARG A 193 -3.25 -3.36 5.08
C ARG A 193 -4.27 -2.25 5.33
N GLY A 194 -4.14 -1.55 6.45
CA GLY A 194 -5.14 -0.58 6.83
C GLY A 194 -4.97 0.77 6.19
N THR A 195 -5.99 1.60 6.35
CA THR A 195 -5.99 2.94 5.79
C THR A 195 -6.85 3.82 6.67
N LEU A 196 -6.48 5.09 6.80
CA LEU A 196 -7.30 6.03 7.54
C LEU A 196 -8.27 6.71 6.60
N ARG A 197 -9.56 6.44 6.81
CA ARG A 197 -10.59 7.03 5.99
C ARG A 197 -11.02 8.34 6.62
N LEU A 198 -10.68 9.46 5.98
CA LEU A 198 -11.06 10.76 6.48
C LEU A 198 -12.35 11.23 5.83
N ARG A 199 -13.49 10.85 6.42
CA ARG A 199 -14.80 11.18 5.91
C ARG A 199 -15.14 12.65 6.14
N SER A 200 -15.74 13.27 5.13
CA SER A 200 -16.24 14.62 5.29
C SER A 200 -17.60 14.61 5.99
N ARG A 201 -18.39 13.58 5.76
CA ARG A 201 -19.73 13.48 6.35
C ARG A 201 -19.85 12.27 7.29
N GLY A 202 -18.89 12.13 8.19
CA GLY A 202 -18.83 10.99 9.09
C GLY A 202 -17.52 11.00 9.83
N PRO A 203 -17.26 9.96 10.63
CA PRO A 203 -16.05 9.91 11.46
C PRO A 203 -14.82 9.50 10.69
N ALA A 204 -13.66 9.85 11.21
CA ALA A 204 -12.41 9.30 10.70
C ALA A 204 -12.17 7.95 11.37
N THR A 205 -12.08 6.90 10.56
CA THR A 205 -11.91 5.55 11.08
C THR A 205 -10.83 4.80 10.31
N VAL A 206 -10.26 3.78 10.95
CA VAL A 206 -9.36 2.86 10.26
C VAL A 206 -10.17 1.75 9.55
N GLU A 207 -9.98 1.63 8.25
CA GLU A 207 -10.74 0.70 7.43
C GLU A 207 -9.81 -0.16 6.59
N ASP A 208 -10.39 -1.13 5.91
CA ASP A 208 -9.68 -1.86 4.88
C ASP A 208 -9.57 -1.00 3.63
N LEU A 209 -8.59 -1.31 2.78
CA LEU A 209 -8.42 -0.59 1.53
C LEU A 209 -9.62 -0.84 0.63
N PRO A 210 -9.99 0.15 -0.19
CA PRO A 210 -11.06 -0.11 -1.15
C PRO A 210 -10.70 -1.22 -2.11
N SER A 211 -11.68 -2.01 -2.50
CA SER A 211 -11.45 -3.06 -3.48
C SER A 211 -11.20 -2.42 -4.83
N ALA A 212 -10.79 -3.20 -5.82
CA ALA A 212 -10.56 -2.65 -7.17
C ALA A 212 -11.86 -2.13 -7.76
N PHE A 213 -12.95 -2.83 -7.46
CA PHE A 213 -14.29 -2.43 -7.88
C PHE A 213 -14.66 -1.06 -7.31
N GLU A 214 -14.40 -0.86 -6.02
CA GLU A 214 -14.71 0.41 -5.38
C GLU A 214 -13.89 1.56 -5.94
N GLU A 215 -12.60 1.34 -6.18
CA GLU A 215 -11.77 2.39 -6.76
C GLU A 215 -12.28 2.78 -8.15
N LYS A 216 -12.77 1.80 -8.89
CA LYS A 216 -13.26 2.08 -10.24
C LYS A 216 -14.59 2.82 -10.17
N ALA A 217 -15.40 2.49 -9.18
CA ALA A 217 -16.71 3.11 -9.01
C ALA A 217 -16.54 4.57 -8.62
N ILE A 218 -15.57 4.80 -7.73
CA ILE A 218 -15.21 6.13 -7.26
C ILE A 218 -14.78 7.00 -8.42
N GLU A 219 -13.88 6.49 -9.24
CA GLU A 219 -13.45 7.19 -10.45
C GLU A 219 -14.62 7.50 -11.37
N LYS A 220 -15.59 6.59 -11.44
CA LYS A 220 -16.74 6.80 -12.32
C LYS A 220 -17.66 7.89 -11.76
N VAL A 221 -17.84 7.86 -10.45
CA VAL A 221 -18.59 8.92 -9.77
C VAL A 221 -17.88 10.28 -9.90
N ASP A 222 -16.55 10.30 -9.81
CA ASP A 222 -15.80 11.55 -9.96
C ASP A 222 -16.04 12.12 -11.35
N ASP A 223 -16.09 11.26 -12.35
CA ASP A 223 -16.38 11.68 -13.71
C ASP A 223 -17.74 12.39 -13.78
N LEU A 224 -18.72 11.87 -13.05
CA LEU A 224 -20.07 12.42 -13.05
C LEU A 224 -20.15 13.77 -12.35
N LEU A 225 -19.31 13.94 -11.33
CA LEU A 225 -19.23 15.21 -10.63
C LEU A 225 -18.73 16.28 -11.60
N GLU A 226 -17.86 15.88 -12.51
CA GLU A 226 -17.29 16.82 -13.47
C GLU A 226 -18.29 17.19 -14.57
N SER A 227 -19.05 16.20 -15.03
CA SER A 227 -19.97 16.40 -16.14
C SER A 227 -21.20 17.20 -15.71
N TYR A 228 -21.64 16.98 -14.47
CA TYR A 228 -22.81 17.69 -13.93
C TYR A 228 -22.47 19.01 -13.22
N MET A 229 -21.33 19.06 -12.54
CA MET A 229 -21.02 20.23 -11.72
C MET A 229 -19.75 20.97 -12.09
N GLY A 230 -18.97 20.41 -12.99
CA GLY A 230 -17.71 21.02 -13.36
C GLY A 230 -16.67 20.96 -12.25
N ILE A 231 -16.82 19.98 -11.37
CA ILE A 231 -15.89 19.81 -10.26
C ILE A 231 -15.36 18.39 -10.18
N ARG A 232 -14.27 18.21 -9.44
CA ARG A 232 -13.85 16.89 -9.00
C ARG A 232 -13.55 16.89 -7.50
N ASP A 233 -13.80 15.77 -6.85
CA ASP A 233 -13.69 15.69 -5.40
C ASP A 233 -13.69 14.23 -5.02
N THR A 234 -12.51 13.62 -4.97
CA THR A 234 -12.42 12.17 -4.84
C THR A 234 -13.02 11.68 -3.53
N GLU A 235 -12.89 12.49 -2.48
CA GLU A 235 -13.43 12.12 -1.19
C GLU A 235 -14.95 12.11 -1.23
N LEU A 236 -15.54 13.11 -1.88
CA LEU A 236 -16.99 13.16 -2.05
C LEU A 236 -17.47 11.98 -2.87
N ALA A 237 -16.71 11.60 -3.88
CA ALA A 237 -17.04 10.42 -4.67
C ALA A 237 -17.02 9.16 -3.81
N ALA A 238 -15.99 9.01 -2.99
CA ALA A 238 -15.90 7.89 -2.06
C ALA A 238 -17.11 7.84 -1.13
N THR A 239 -17.52 9.01 -0.68
CA THR A 239 -18.65 9.12 0.22
C THR A 239 -19.92 8.60 -0.45
N MET A 240 -20.15 9.03 -1.68
CA MET A 240 -21.34 8.60 -2.43
C MET A 240 -21.30 7.10 -2.69
N VAL A 241 -20.13 6.56 -2.96
CA VAL A 241 -19.99 5.14 -3.23
C VAL A 241 -20.28 4.33 -1.96
N GLU A 242 -19.83 4.85 -0.82
CA GLU A 242 -20.07 4.24 0.48
C GLU A 242 -21.53 4.36 0.93
N LEU A 243 -22.13 5.51 0.66
CA LEU A 243 -23.56 5.71 0.91
C LEU A 243 -24.44 4.76 0.10
N GLY A 244 -23.96 4.31 -1.05
CA GLY A 244 -24.81 3.54 -1.95
C GLY A 244 -24.59 2.05 -1.94
N LYS A 245 -23.53 1.60 -1.26
CA LYS A 245 -23.09 0.20 -1.30
C LYS A 245 -24.15 -0.82 -0.86
N ASP A 246 -24.91 -0.47 0.16
CA ASP A 246 -25.90 -1.36 0.74
C ASP A 246 -27.32 -1.02 0.32
N LYS A 247 -27.46 -0.13 -0.66
CA LYS A 247 -28.77 0.35 -1.11
C LYS A 247 -29.36 -0.56 -2.18
N ARG A 248 -30.65 -0.87 -2.04
CA ARG A 248 -31.30 -1.85 -2.91
C ARG A 248 -31.65 -1.28 -4.28
N ASN A 249 -31.90 0.03 -4.33
CA ASN A 249 -32.38 0.69 -5.55
C ASN A 249 -32.03 2.18 -5.53
N PRO A 250 -32.18 2.88 -6.68
CA PRO A 250 -31.87 4.32 -6.78
C PRO A 250 -32.61 5.20 -5.76
N ASP A 251 -33.89 4.90 -5.51
CA ASP A 251 -34.65 5.63 -4.51
C ASP A 251 -33.98 5.59 -3.14
N GLU A 252 -33.49 4.41 -2.76
CA GLU A 252 -32.77 4.27 -1.49
C GLU A 252 -31.48 5.09 -1.51
N LEU A 253 -30.81 5.09 -2.65
CA LEU A 253 -29.63 5.91 -2.82
C LEU A 253 -30.00 7.38 -2.68
N ALA A 254 -31.05 7.80 -3.39
CA ALA A 254 -31.47 9.20 -3.41
C ALA A 254 -31.84 9.69 -2.01
N GLU A 255 -32.28 8.76 -1.17
CA GLU A 255 -32.65 9.05 0.21
C GLU A 255 -31.41 9.28 1.09
N ALA A 256 -30.38 8.50 0.88
CA ALA A 256 -29.15 8.63 1.64
C ALA A 256 -28.43 9.91 1.25
N LEU A 257 -28.43 10.22 -0.05
CA LEU A 257 -27.80 11.43 -0.55
C LEU A 257 -28.47 12.67 0.04
N ASP A 258 -29.78 12.63 0.21
CA ASP A 258 -30.52 13.74 0.77
C ASP A 258 -30.22 13.95 2.25
N GLU A 259 -30.00 12.85 2.97
CA GLU A 259 -29.64 12.94 4.39
C GLU A 259 -28.27 13.57 4.56
N ARG A 260 -27.28 12.98 3.89
CA ARG A 260 -25.88 13.35 4.08
C ARG A 260 -25.42 14.51 3.22
N LEU A 261 -26.05 14.69 2.07
CA LEU A 261 -25.55 15.61 1.05
C LEU A 261 -26.69 16.43 0.44
N GLY A 262 -27.67 16.75 1.26
CA GLY A 262 -28.84 17.51 0.81
C GLY A 262 -28.52 18.93 0.38
N ASP A 263 -27.41 19.46 0.89
CA ASP A 263 -26.96 20.79 0.50
C ASP A 263 -26.56 20.88 -0.97
N PHE A 264 -26.21 19.73 -1.57
CA PHE A 264 -25.78 19.70 -2.95
C PHE A 264 -26.94 19.76 -3.94
N ALA A 265 -28.10 19.26 -3.52
CA ALA A 265 -29.30 19.24 -4.34
C ALA A 265 -29.03 18.59 -5.69
N PHE A 266 -28.88 17.27 -5.68
CA PHE A 266 -28.56 16.51 -6.88
C PHE A 266 -29.81 16.23 -7.72
N PRO A 267 -29.71 16.46 -9.03
CA PRO A 267 -30.79 16.10 -9.97
C PRO A 267 -31.02 14.58 -9.97
N ASP A 268 -32.21 14.13 -10.36
CA ASP A 268 -32.52 12.71 -10.29
C ASP A 268 -31.77 11.87 -11.31
N GLU A 269 -31.44 12.45 -12.47
CA GLU A 269 -30.67 11.75 -13.49
C GLU A 269 -29.23 11.54 -13.03
N PHE A 270 -28.76 12.42 -12.15
CA PHE A 270 -27.43 12.29 -11.57
C PHE A 270 -27.45 11.14 -10.58
N VAL A 271 -28.46 11.13 -9.72
CA VAL A 271 -28.63 10.07 -8.74
C VAL A 271 -28.77 8.70 -9.41
N PHE A 272 -29.51 8.65 -10.51
CA PHE A 272 -29.64 7.40 -11.26
C PHE A 272 -28.31 7.04 -11.91
N ASP A 273 -27.62 8.03 -12.47
CA ASP A 273 -26.31 7.81 -13.09
C ASP A 273 -25.26 7.38 -12.10
N VAL A 274 -25.34 7.92 -10.88
CA VAL A 274 -24.46 7.49 -9.80
C VAL A 274 -24.76 6.03 -9.45
N TRP A 275 -26.05 5.68 -9.41
CA TRP A 275 -26.45 4.30 -9.13
C TRP A 275 -25.80 3.34 -10.10
N GLY A 276 -25.68 3.75 -11.36
CA GLY A 276 -25.05 2.93 -12.38
C GLY A 276 -23.55 2.87 -12.19
N ALA A 277 -22.98 3.96 -11.73
CA ALA A 277 -21.53 4.04 -11.53
C ALA A 277 -21.07 2.99 -10.51
N ILE A 278 -21.90 2.71 -9.51
CA ILE A 278 -21.47 1.84 -8.41
C ILE A 278 -21.87 0.37 -8.59
N GLY A 279 -22.28 0.00 -9.79
CA GLY A 279 -22.63 -1.37 -10.07
C GLY A 279 -21.75 -2.03 -11.13
N ASP A 280 -22.06 -3.28 -11.47
CA ASP A 280 -21.36 -4.03 -12.50
C ASP A 280 -21.74 -3.57 -13.90
N PRO B 2 13.51 15.44 -2.71
CA PRO B 2 13.82 14.60 -1.55
C PRO B 2 14.02 13.13 -1.93
N HIS B 3 15.18 12.58 -1.61
CA HIS B 3 15.40 11.15 -1.73
C HIS B 3 14.58 10.46 -0.64
N MET B 4 14.00 9.32 -0.98
CA MET B 4 13.02 8.65 -0.13
C MET B 4 13.54 8.29 1.27
N ALA B 5 14.80 7.89 1.35
CA ALA B 5 15.37 7.43 2.62
C ALA B 5 15.60 8.57 3.61
N ALA B 6 15.57 9.80 3.11
CA ALA B 6 15.83 10.97 3.95
C ALA B 6 14.57 11.51 4.62
N LEU B 7 13.41 10.95 4.23
CA LEU B 7 12.12 11.46 4.65
C LEU B 7 11.78 11.15 6.11
N ARG B 8 12.09 9.92 6.55
CA ARG B 8 11.76 9.50 7.91
C ARG B 8 13.02 9.12 8.68
N PRO B 9 13.25 9.80 9.82
CA PRO B 9 14.40 9.47 10.66
C PRO B 9 14.26 8.10 11.32
N ARG B 10 13.02 7.70 11.61
CA ARG B 10 12.74 6.41 12.22
C ARG B 10 11.69 5.69 11.38
N LEU B 11 11.89 4.39 11.18
CA LEU B 11 10.86 3.55 10.59
C LEU B 11 10.28 2.69 11.69
N VAL B 12 9.18 3.15 12.27
CA VAL B 12 8.59 2.44 13.41
C VAL B 12 7.42 1.59 12.94
N PHE B 13 7.39 0.34 13.40
CA PHE B 13 6.29 -0.55 13.06
C PHE B 13 5.58 -1.05 14.30
N HIS B 14 4.36 -1.55 14.11
CA HIS B 14 3.56 -2.13 15.17
C HIS B 14 3.54 -3.63 15.00
N THR B 15 3.51 -4.35 16.12
CA THR B 15 3.59 -5.79 16.05
C THR B 15 2.73 -6.43 17.13
N GLN B 16 2.21 -7.61 16.83
CA GLN B 16 1.53 -8.45 17.82
C GLN B 16 1.96 -9.90 17.66
N LEU B 17 1.89 -10.68 18.73
CA LEU B 17 2.07 -12.11 18.58
C LEU B 17 0.81 -12.70 17.92
N ALA B 18 1.00 -13.61 16.98
CA ALA B 18 -0.10 -14.11 16.15
C ALA B 18 -1.19 -14.81 16.97
N HIS B 19 -0.82 -15.44 18.08
CA HIS B 19 -1.77 -16.16 18.92
C HIS B 19 -2.49 -15.25 19.91
N GLY B 20 -2.13 -13.97 19.88
CA GLY B 20 -2.82 -13.00 20.71
C GLY B 20 -1.92 -12.29 21.71
N SER B 21 -1.79 -10.98 21.53
CA SER B 21 -1.04 -10.13 22.45
C SER B 21 -1.42 -8.68 22.23
N PRO B 22 -1.11 -7.82 23.20
CA PRO B 22 -1.24 -6.40 22.91
C PRO B 22 -0.17 -5.95 21.89
N THR B 23 -0.36 -4.76 21.33
CA THR B 23 0.56 -4.21 20.36
C THR B 23 1.86 -3.73 21.02
N GLY B 24 2.99 -4.01 20.37
CA GLY B 24 4.26 -3.44 20.75
C GLY B 24 4.78 -2.61 19.58
N ARG B 25 5.64 -1.64 19.84
CA ARG B 25 6.25 -0.89 18.75
C ARG B 25 7.73 -1.26 18.63
N ILE B 26 8.19 -1.44 17.41
CA ILE B 26 9.58 -1.80 17.17
C ILE B 26 10.18 -0.88 16.13
N GLU B 27 11.51 -0.78 16.14
CA GLU B 27 12.26 0.01 15.17
C GLU B 27 13.72 -0.38 15.29
N GLY B 28 14.53 0.04 14.33
CA GLY B 28 15.96 -0.22 14.38
C GLY B 28 16.29 -1.66 14.03
N PHE B 29 15.99 -2.07 12.81
CA PHE B 29 16.49 -3.35 12.31
C PHE B 29 16.83 -3.19 10.83
N THR B 30 17.84 -3.93 10.39
CA THR B 30 18.29 -3.83 9.01
C THR B 30 18.23 -5.18 8.29
N ASN B 31 17.77 -6.21 9.01
CA ASN B 31 17.57 -7.52 8.41
C ASN B 31 16.59 -8.31 9.26
N VAL B 32 16.18 -9.49 8.79
CA VAL B 32 15.10 -10.24 9.44
C VAL B 32 15.51 -10.76 10.80
N LYS B 33 16.77 -11.12 10.94
CA LYS B 33 17.31 -11.56 12.23
C LYS B 33 17.16 -10.47 13.28
N GLU B 34 17.47 -9.24 12.90
CA GLU B 34 17.30 -8.11 13.81
C GLU B 34 15.83 -7.79 14.02
N LEU B 35 15.03 -7.97 12.97
CA LEU B 35 13.58 -7.82 13.12
C LEU B 35 13.05 -8.78 14.15
N TYR B 36 13.44 -10.04 14.05
CA TYR B 36 12.96 -11.04 14.99
C TYR B 36 13.45 -10.69 16.38
N GLY B 37 14.69 -10.24 16.47
CA GLY B 37 15.25 -9.83 17.75
C GLY B 37 14.38 -8.77 18.41
N LYS B 38 14.02 -7.75 17.65
CA LYS B 38 13.28 -6.63 18.19
C LYS B 38 11.89 -7.03 18.66
N ILE B 39 11.23 -7.91 17.91
CA ILE B 39 9.90 -8.37 18.29
C ILE B 39 9.95 -9.18 19.59
N ALA B 40 10.87 -10.13 19.66
CA ALA B 40 11.08 -10.91 20.88
C ALA B 40 11.35 -10.00 22.09
N GLU B 41 12.24 -9.04 21.91
CA GLU B 41 12.53 -8.07 22.96
C GLU B 41 11.27 -7.36 23.44
N ALA B 42 10.42 -6.96 22.50
CA ALA B 42 9.22 -6.22 22.83
C ALA B 42 8.28 -7.04 23.70
N PHE B 43 8.31 -8.37 23.55
CA PHE B 43 7.38 -9.24 24.24
C PHE B 43 8.04 -10.14 25.29
N ARG B 44 9.27 -9.80 25.67
CA ARG B 44 10.00 -10.49 26.73
C ARG B 44 10.16 -11.96 26.42
N LEU B 45 10.53 -12.23 25.18
CA LEU B 45 10.77 -13.58 24.67
C LEU B 45 12.21 -13.80 24.25
N PRO B 46 12.70 -15.04 24.39
CA PRO B 46 13.93 -15.38 23.71
C PRO B 46 13.75 -15.20 22.20
N ALA B 47 14.77 -14.74 21.51
CA ALA B 47 14.70 -14.50 20.08
C ALA B 47 14.50 -15.82 19.32
N ALA B 48 14.93 -16.92 19.93
CA ALA B 48 14.82 -18.22 19.31
C ALA B 48 13.36 -18.66 19.13
N GLU B 49 12.45 -18.04 19.87
CA GLU B 49 11.04 -18.44 19.84
C GLU B 49 10.29 -17.95 18.61
N VAL B 50 10.80 -16.94 17.95
CA VAL B 50 10.11 -16.38 16.80
C VAL B 50 10.33 -17.26 15.55
N MET B 51 9.25 -17.75 14.97
CA MET B 51 9.32 -18.65 13.83
C MET B 51 9.28 -17.88 12.52
N PHE B 52 8.17 -17.20 12.27
CA PHE B 52 8.06 -16.34 11.09
C PHE B 52 7.06 -15.21 11.34
N CYS B 53 6.96 -14.31 10.36
CA CYS B 53 6.02 -13.21 10.42
C CYS B 53 5.04 -13.23 9.26
N THR B 54 3.81 -12.82 9.52
CA THR B 54 2.84 -12.55 8.48
C THR B 54 2.48 -11.07 8.51
N LEU B 55 2.04 -10.53 7.39
CA LEU B 55 1.73 -9.12 7.33
C LEU B 55 0.23 -8.91 7.26
N ASN B 56 -0.29 -8.11 8.19
CA ASN B 56 -1.69 -7.67 8.22
C ASN B 56 -2.71 -8.79 8.50
N THR B 57 -2.23 -9.95 8.90
CA THR B 57 -3.11 -11.00 9.42
C THR B 57 -2.38 -11.84 10.46
N HIS B 58 -3.13 -12.28 11.47
CA HIS B 58 -2.59 -13.11 12.54
C HIS B 58 -2.71 -14.59 12.19
N LYS B 59 -3.40 -14.88 11.08
CA LYS B 59 -3.62 -16.24 10.63
C LYS B 59 -2.38 -16.78 9.95
N VAL B 60 -2.25 -18.10 9.91
CA VAL B 60 -1.13 -18.73 9.23
C VAL B 60 -1.46 -18.72 7.74
N ASP B 61 -1.27 -17.54 7.14
CA ASP B 61 -1.68 -17.29 5.78
C ASP B 61 -0.44 -17.08 4.91
N MET B 62 -0.02 -18.13 4.20
CA MET B 62 1.26 -18.09 3.50
C MET B 62 1.25 -17.11 2.34
N ASP B 63 0.06 -16.75 1.84
CA ASP B 63 -0.06 -15.67 0.86
C ASP B 63 0.38 -14.34 1.44
N LYS B 64 0.40 -14.24 2.76
CA LYS B 64 0.73 -12.99 3.42
C LYS B 64 1.96 -13.12 4.31
N LEU B 65 2.72 -14.19 4.07
CA LEU B 65 4.02 -14.38 4.70
C LEU B 65 4.96 -13.23 4.40
N LEU B 66 5.70 -12.78 5.39
CA LEU B 66 6.74 -11.79 5.16
C LEU B 66 7.71 -12.29 4.11
N GLY B 67 7.88 -11.51 3.06
CA GLY B 67 8.65 -11.93 1.92
C GLY B 67 9.48 -10.81 1.34
N GLY B 68 10.25 -10.14 2.18
CA GLY B 68 11.21 -9.16 1.70
C GLY B 68 10.73 -7.72 1.66
N GLN B 69 9.45 -7.51 1.93
CA GLN B 69 8.86 -6.17 1.85
C GLN B 69 7.95 -5.87 3.04
N ILE B 70 8.18 -4.72 3.66
CA ILE B 70 7.28 -4.22 4.69
C ILE B 70 6.88 -2.79 4.35
N GLY B 71 5.63 -2.62 3.93
CA GLY B 71 5.15 -1.36 3.42
C GLY B 71 5.09 -0.26 4.45
N LEU B 72 5.30 0.97 3.99
CA LEU B 72 5.24 2.14 4.87
C LEU B 72 3.90 2.85 4.70
N GLU B 73 3.62 3.80 5.59
CA GLU B 73 2.41 4.61 5.56
C GLU B 73 2.59 5.72 4.52
N ASP B 74 1.50 6.35 4.08
CA ASP B 74 1.61 7.48 3.15
C ASP B 74 2.34 8.66 3.80
N PHE B 75 3.20 9.31 3.02
CA PHE B 75 3.89 10.52 3.46
C PHE B 75 3.11 11.73 2.97
N ILE B 76 2.88 12.69 3.85
CA ILE B 76 2.01 13.84 3.56
C ILE B 76 2.80 15.10 3.16
N PHE B 77 2.67 15.55 1.92
CA PHE B 77 3.31 16.79 1.53
C PHE B 77 2.31 17.93 1.52
N ALA B 78 2.58 18.98 2.28
CA ALA B 78 1.69 20.12 2.37
C ALA B 78 2.10 21.25 1.43
N HIS B 79 1.14 21.70 0.62
CA HIS B 79 1.39 22.82 -0.29
C HIS B 79 0.87 24.10 0.34
N VAL B 80 1.74 25.09 0.50
CA VAL B 80 1.34 26.33 1.16
C VAL B 80 1.28 27.50 0.18
N LYS B 81 0.70 28.62 0.61
CA LYS B 81 0.46 29.73 -0.29
C LYS B 81 1.75 30.36 -0.80
N GLY B 82 1.80 30.60 -2.11
CA GLY B 82 2.94 31.27 -2.70
C GLY B 82 2.55 32.54 -3.42
N GLN B 83 3.00 32.65 -4.67
CA GLN B 83 2.83 33.86 -5.47
C GLN B 83 1.36 34.19 -5.73
N ARG B 84 0.96 35.41 -5.41
CA ARG B 84 -0.40 35.83 -5.72
C ARG B 84 -0.43 36.42 -7.11
N LYS B 85 -1.41 36.00 -7.91
CA LYS B 85 -1.56 36.50 -9.26
C LYS B 85 -2.94 37.10 -9.48
N GLU B 86 -3.04 37.95 -10.50
CA GLU B 86 -4.32 38.40 -10.98
C GLU B 86 -4.26 38.35 -12.49
N VAL B 87 -5.12 37.55 -13.11
CA VAL B 87 -5.06 37.33 -14.54
C VAL B 87 -6.37 37.68 -15.24
N GLU B 88 -6.27 38.46 -16.30
CA GLU B 88 -7.44 38.78 -17.09
C GLU B 88 -7.63 37.75 -18.20
N VAL B 89 -8.85 37.24 -18.31
CA VAL B 89 -9.16 36.21 -19.29
C VAL B 89 -10.39 36.58 -20.10
N PHE B 90 -10.33 36.36 -21.41
CA PHE B 90 -11.46 36.63 -22.29
C PHE B 90 -12.22 35.34 -22.58
N LYS B 91 -13.45 35.27 -22.09
CA LYS B 91 -14.29 34.10 -22.32
C LYS B 91 -14.70 34.05 -23.77
N SER B 92 -14.01 33.24 -24.57
CA SER B 92 -14.26 33.20 -26.00
C SER B 92 -14.98 31.93 -26.39
N GLU B 93 -15.19 31.06 -25.42
CA GLU B 93 -15.90 29.80 -25.63
C GLU B 93 -16.78 29.56 -24.42
N GLU B 94 -17.93 28.94 -24.61
CA GLU B 94 -18.82 28.67 -23.48
C GLU B 94 -18.11 27.83 -22.42
N ALA B 95 -17.31 26.87 -22.87
CA ALA B 95 -16.54 26.01 -21.98
C ALA B 95 -15.08 26.47 -21.91
N LEU B 96 -14.67 26.91 -20.73
CA LEU B 96 -13.34 27.47 -20.57
C LEU B 96 -12.27 26.39 -20.44
N GLY B 97 -12.64 25.22 -19.93
CA GLY B 97 -11.73 24.08 -19.85
C GLY B 97 -11.21 23.80 -18.45
N LEU B 98 -12.00 24.18 -17.46
CA LEU B 98 -11.59 24.18 -16.07
C LEU B 98 -12.32 23.11 -15.25
N THR B 99 -11.56 22.35 -14.46
CA THR B 99 -12.18 21.49 -13.45
C THR B 99 -11.74 21.93 -12.06
N ILE B 100 -12.72 22.24 -11.21
CA ILE B 100 -12.45 22.84 -9.91
C ILE B 100 -12.59 21.82 -8.79
N THR B 101 -11.69 21.84 -7.82
CA THR B 101 -11.85 21.04 -6.63
C THR B 101 -11.68 21.99 -5.45
N ASP B 102 -11.70 21.47 -4.22
CA ASP B 102 -11.35 22.30 -3.08
C ASP B 102 -10.68 21.45 -2.01
N ASN B 103 -10.11 22.10 -0.99
CA ASN B 103 -9.37 21.38 0.02
C ASN B 103 -10.23 20.91 1.19
N GLY B 104 -11.55 20.98 1.01
CA GLY B 104 -12.49 20.59 2.04
C GLY B 104 -12.40 21.45 3.29
N ALA B 105 -11.76 22.62 3.17
CA ALA B 105 -11.62 23.53 4.30
C ALA B 105 -11.69 24.99 3.86
N GLY B 106 -12.38 25.26 2.76
CA GLY B 106 -12.66 26.64 2.40
C GLY B 106 -11.84 27.24 1.27
N TYR B 107 -10.88 26.48 0.74
CA TYR B 107 -10.08 26.92 -0.41
C TYR B 107 -10.41 26.11 -1.65
N ALA B 108 -10.80 26.76 -2.75
CA ALA B 108 -11.07 26.04 -3.97
C ALA B 108 -9.88 26.23 -4.89
N PHE B 109 -9.54 25.21 -5.67
CA PHE B 109 -8.41 25.33 -6.57
C PHE B 109 -8.60 24.51 -7.84
N ILE B 110 -7.71 24.74 -8.79
CA ILE B 110 -7.82 24.14 -10.12
C ILE B 110 -7.21 22.76 -10.11
N LYS B 111 -8.04 21.76 -10.38
CA LYS B 111 -7.53 20.39 -10.40
C LYS B 111 -7.16 19.96 -11.82
N ARG B 112 -7.93 20.40 -12.81
CA ARG B 112 -7.63 20.08 -14.20
C ARG B 112 -7.83 21.27 -15.14
N ILE B 113 -6.92 21.38 -16.10
CA ILE B 113 -7.05 22.32 -17.21
C ILE B 113 -6.98 21.54 -18.52
N LYS B 114 -8.07 21.55 -19.27
CA LYS B 114 -8.12 20.80 -20.52
C LYS B 114 -7.14 21.39 -21.53
N GLU B 115 -6.33 20.54 -22.14
CA GLU B 115 -5.39 20.99 -23.17
C GLU B 115 -6.17 21.54 -24.37
N GLY B 116 -5.76 22.71 -24.84
CA GLY B 116 -6.45 23.35 -25.95
C GLY B 116 -7.38 24.47 -25.51
N SER B 117 -8.00 24.29 -24.34
CA SER B 117 -8.98 25.22 -23.81
C SER B 117 -8.46 26.65 -23.71
N VAL B 118 -9.37 27.62 -23.56
CA VAL B 118 -8.95 29.02 -23.50
C VAL B 118 -8.08 29.23 -22.26
N ILE B 119 -8.31 28.42 -21.23
CA ILE B 119 -7.50 28.46 -20.02
C ILE B 119 -6.10 27.95 -20.31
N ASP B 120 -6.01 26.85 -21.06
CA ASP B 120 -4.73 26.29 -21.46
C ASP B 120 -3.92 27.27 -22.32
N HIS B 121 -4.62 28.10 -23.08
CA HIS B 121 -3.97 29.07 -23.96
C HIS B 121 -3.44 30.28 -23.18
N ILE B 122 -3.92 30.44 -21.96
CA ILE B 122 -3.35 31.42 -21.04
C ILE B 122 -2.30 30.74 -20.19
N GLN B 123 -1.07 31.23 -20.28
CA GLN B 123 0.04 30.57 -19.63
C GLN B 123 0.11 30.87 -18.13
N LEU B 124 -0.54 31.96 -17.73
CA LEU B 124 -0.42 32.45 -16.35
C LEU B 124 -1.28 31.70 -15.34
N ILE B 125 -1.98 30.66 -15.78
CA ILE B 125 -2.84 29.88 -14.89
C ILE B 125 -2.42 28.42 -14.89
N SER B 126 -2.21 27.84 -13.71
N SER B 126 -2.21 27.85 -13.70
CA SER B 126 -1.77 26.46 -13.63
CA SER B 126 -1.78 26.46 -13.62
C SER B 126 -2.62 25.63 -12.68
C SER B 126 -2.64 25.63 -12.68
N VAL B 127 -2.57 24.31 -12.87
CA VAL B 127 -3.17 23.36 -11.95
C VAL B 127 -2.57 23.59 -10.58
N GLY B 128 -3.40 23.60 -9.54
CA GLY B 128 -2.92 23.88 -8.19
C GLY B 128 -3.21 25.29 -7.72
N ASP B 129 -3.35 26.22 -8.66
CA ASP B 129 -3.72 27.59 -8.33
C ASP B 129 -5.05 27.63 -7.61
N MET B 130 -5.11 28.27 -6.45
CA MET B 130 -6.39 28.44 -5.79
C MET B 130 -7.04 29.73 -6.23
N ILE B 131 -8.37 29.72 -6.29
CA ILE B 131 -9.13 30.83 -6.80
C ILE B 131 -9.69 31.66 -5.66
N GLU B 132 -9.23 32.90 -5.56
CA GLU B 132 -9.55 33.75 -4.43
C GLU B 132 -10.68 34.69 -4.75
N ALA B 133 -10.75 35.09 -6.02
CA ALA B 133 -11.82 35.97 -6.45
C ALA B 133 -12.09 35.84 -7.95
N ILE B 134 -13.36 36.00 -8.31
CA ILE B 134 -13.75 36.13 -9.69
C ILE B 134 -14.47 37.44 -9.87
N ASN B 135 -13.93 38.31 -10.71
CA ASN B 135 -14.49 39.64 -10.94
C ASN B 135 -14.66 40.42 -9.64
N GLY B 136 -13.71 40.23 -8.72
CA GLY B 136 -13.73 40.95 -7.46
C GLY B 136 -14.57 40.31 -6.37
N GLN B 137 -15.37 39.32 -6.76
CA GLN B 137 -16.20 38.60 -5.80
C GLN B 137 -15.37 37.56 -5.06
N SER B 138 -15.13 37.79 -3.76
CA SER B 138 -14.27 36.92 -2.98
C SER B 138 -14.90 35.55 -2.81
N LEU B 139 -14.06 34.53 -2.73
CA LEU B 139 -14.52 33.15 -2.78
C LEU B 139 -13.93 32.27 -1.68
N LEU B 140 -13.26 32.89 -0.72
CA LEU B 140 -12.74 32.13 0.41
C LEU B 140 -13.92 31.68 1.26
N GLY B 141 -13.96 30.40 1.60
CA GLY B 141 -15.11 29.83 2.29
C GLY B 141 -16.09 29.13 1.37
N CYS B 142 -15.91 29.29 0.06
CA CYS B 142 -16.80 28.71 -0.92
C CYS B 142 -16.37 27.30 -1.37
N ARG B 143 -17.36 26.48 -1.72
CA ARG B 143 -17.09 25.15 -2.24
C ARG B 143 -16.78 25.20 -3.72
N HIS B 144 -16.11 24.17 -4.21
CA HIS B 144 -15.74 24.04 -5.61
C HIS B 144 -16.94 24.24 -6.53
N TYR B 145 -18.11 23.71 -6.16
CA TYR B 145 -19.27 23.77 -7.04
C TYR B 145 -19.81 25.19 -7.13
N GLU B 146 -19.66 25.95 -6.05
CA GLU B 146 -20.05 27.35 -6.05
C GLU B 146 -19.12 28.11 -6.98
N VAL B 147 -17.82 27.84 -6.88
CA VAL B 147 -16.85 28.49 -7.75
C VAL B 147 -17.07 28.05 -9.19
N ALA B 148 -17.33 26.77 -9.37
CA ALA B 148 -17.58 26.20 -10.69
C ALA B 148 -18.79 26.88 -11.35
N ARG B 149 -19.83 27.08 -10.55
CA ARG B 149 -21.07 27.71 -11.02
C ARG B 149 -20.86 29.14 -11.51
N LEU B 150 -20.12 29.93 -10.73
CA LEU B 150 -19.82 31.30 -11.10
C LEU B 150 -19.05 31.35 -12.40
N LEU B 151 -18.19 30.36 -12.60
CA LEU B 151 -17.41 30.26 -13.80
C LEU B 151 -18.30 30.04 -15.01
N LYS B 152 -19.21 29.07 -14.88
CA LYS B 152 -20.16 28.74 -15.94
C LYS B 152 -21.01 29.93 -16.38
N GLU B 153 -21.41 30.74 -15.40
CA GLU B 153 -22.38 31.79 -15.64
C GLU B 153 -21.73 33.11 -16.07
N LEU B 154 -20.41 33.11 -16.19
CA LEU B 154 -19.73 34.31 -16.65
C LEU B 154 -20.24 34.66 -18.04
N PRO B 155 -20.36 35.96 -18.34
CA PRO B 155 -20.84 36.39 -19.66
C PRO B 155 -19.90 36.00 -20.77
N ARG B 156 -20.42 35.28 -21.76
CA ARG B 156 -19.59 34.65 -22.78
C ARG B 156 -18.95 35.65 -23.75
N GLY B 157 -19.26 36.93 -23.60
CA GLY B 157 -18.71 37.90 -24.52
C GLY B 157 -17.63 38.79 -23.94
N ARG B 158 -17.27 38.54 -22.68
CA ARG B 158 -16.51 39.52 -21.93
C ARG B 158 -15.23 39.01 -21.27
N THR B 159 -14.39 39.97 -20.90
CA THR B 159 -13.16 39.72 -20.16
C THR B 159 -13.41 39.64 -18.66
N PHE B 160 -13.00 38.55 -18.03
CA PHE B 160 -13.13 38.45 -16.58
C PHE B 160 -11.77 38.40 -15.93
N THR B 161 -11.74 38.63 -14.63
CA THR B 161 -10.48 38.61 -13.89
C THR B 161 -10.52 37.51 -12.84
N LEU B 162 -9.38 36.91 -12.60
CA LEU B 162 -9.26 35.91 -11.56
C LEU B 162 -8.16 36.33 -10.59
N LYS B 163 -8.48 36.31 -9.30
CA LYS B 163 -7.48 36.47 -8.28
C LYS B 163 -7.03 35.08 -7.86
N LEU B 164 -5.75 34.79 -8.07
CA LEU B 164 -5.20 33.47 -7.79
C LEU B 164 -3.99 33.51 -6.86
N THR B 165 -3.87 32.50 -6.02
CA THR B 165 -2.66 32.25 -5.26
C THR B 165 -2.04 30.92 -5.70
N GLU B 166 -0.81 30.97 -6.20
CA GLU B 166 -0.08 29.79 -6.57
C GLU B 166 0.51 29.13 -5.33
N PRO B 167 0.52 27.79 -5.26
CA PRO B 167 1.25 27.24 -4.12
C PRO B 167 2.76 27.42 -4.34
N ARG B 168 3.57 27.55 -3.29
CA ARG B 168 5.01 27.61 -3.43
CA ARG B 168 4.98 27.65 -3.59
C ARG B 168 5.53 26.28 -3.95
N LYS B 169 6.41 26.32 -4.95
CA LYS B 169 7.04 25.14 -5.51
C LYS B 169 8.54 25.32 -5.43
N ALA B 170 9.28 24.25 -5.18
CA ALA B 170 10.74 24.36 -5.14
C ALA B 170 11.31 24.27 -6.55
N LEU B 189 3.46 3.53 -13.46
CA LEU B 189 3.48 4.57 -12.45
C LEU B 189 3.33 3.98 -11.05
N GLY B 190 2.29 4.40 -10.34
CA GLY B 190 2.05 3.92 -8.99
C GLY B 190 1.73 5.07 -8.05
N THR B 191 1.54 4.77 -6.77
CA THR B 191 1.19 5.79 -5.79
C THR B 191 2.42 6.47 -5.20
N GLY B 192 3.58 5.83 -5.33
CA GLY B 192 4.80 6.39 -4.80
C GLY B 192 4.99 6.06 -3.32
N ARG B 193 4.05 5.31 -2.76
CA ARG B 193 4.15 4.90 -1.36
C ARG B 193 5.40 4.05 -1.11
N GLY B 194 6.12 4.34 -0.04
CA GLY B 194 7.37 3.66 0.24
C GLY B 194 7.22 2.27 0.84
N THR B 195 8.26 1.47 0.66
CA THR B 195 8.31 0.17 1.30
C THR B 195 9.72 -0.09 1.83
N LEU B 196 9.80 -0.82 2.94
CA LEU B 196 11.07 -1.24 3.49
C LEU B 196 11.44 -2.60 2.89
N ARG B 197 12.52 -2.61 2.12
CA ARG B 197 12.94 -3.80 1.42
C ARG B 197 14.00 -4.54 2.25
N LEU B 198 13.60 -5.65 2.86
CA LEU B 198 14.52 -6.49 3.64
C LEU B 198 15.21 -7.46 2.71
N ARG B 199 16.48 -7.20 2.42
CA ARG B 199 17.24 -7.94 1.43
C ARG B 199 18.03 -9.08 2.09
N SER B 200 18.06 -10.25 1.45
CA SER B 200 18.78 -11.38 2.03
C SER B 200 20.28 -11.20 2.00
N ARG B 201 20.77 -10.53 0.96
CA ARG B 201 22.21 -10.39 0.77
C ARG B 201 22.75 -9.01 1.10
N GLY B 202 22.25 -8.41 2.18
CA GLY B 202 22.72 -7.10 2.57
C GLY B 202 21.76 -6.30 3.38
N PRO B 203 22.15 -5.08 3.75
CA PRO B 203 21.33 -4.20 4.61
C PRO B 203 20.06 -3.74 3.93
N ALA B 204 19.01 -3.51 4.73
CA ALA B 204 17.71 -3.08 4.22
C ALA B 204 17.77 -1.73 3.54
N THR B 205 16.88 -1.54 2.57
CA THR B 205 16.79 -0.30 1.81
C THR B 205 15.35 0.19 1.76
N VAL B 206 15.15 1.48 1.50
CA VAL B 206 13.80 1.97 1.25
C VAL B 206 13.57 2.04 -0.27
N GLU B 207 12.49 1.40 -0.72
CA GLU B 207 12.24 1.28 -2.15
C GLU B 207 10.84 1.73 -2.51
N ASP B 208 10.58 1.87 -3.80
CA ASP B 208 9.22 2.00 -4.29
C ASP B 208 8.58 0.63 -4.27
N LEU B 209 7.26 0.61 -4.37
CA LEU B 209 6.54 -0.65 -4.48
C LEU B 209 6.84 -1.29 -5.82
N PRO B 210 6.89 -2.63 -5.87
CA PRO B 210 7.04 -3.31 -7.17
C PRO B 210 5.89 -3.00 -8.11
N SER B 211 6.18 -2.88 -9.39
CA SER B 211 5.16 -2.65 -10.40
C SER B 211 4.29 -3.88 -10.59
N ALA B 212 3.17 -3.72 -11.30
CA ALA B 212 2.28 -4.84 -11.61
C ALA B 212 3.04 -5.92 -12.39
N PHE B 213 3.85 -5.47 -13.34
CA PHE B 213 4.75 -6.31 -14.12
C PHE B 213 5.71 -7.09 -13.20
N GLU B 214 6.34 -6.39 -12.27
CA GLU B 214 7.37 -7.01 -11.43
C GLU B 214 6.78 -8.03 -10.46
N GLU B 215 5.61 -7.73 -9.93
CA GLU B 215 4.91 -8.67 -9.05
C GLU B 215 4.59 -9.97 -9.78
N LYS B 216 4.13 -9.85 -11.01
CA LYS B 216 3.86 -11.02 -11.84
C LYS B 216 5.13 -11.80 -12.15
N ALA B 217 6.21 -11.09 -12.48
CA ALA B 217 7.48 -11.75 -12.72
C ALA B 217 7.99 -12.45 -11.47
N ILE B 218 7.75 -11.85 -10.30
CA ILE B 218 8.09 -12.46 -9.02
C ILE B 218 7.33 -13.76 -8.74
N GLU B 219 6.03 -13.78 -9.05
CA GLU B 219 5.23 -15.00 -8.92
C GLU B 219 5.74 -16.14 -9.81
N LYS B 220 6.13 -15.80 -11.02
CA LYS B 220 6.65 -16.76 -11.99
C LYS B 220 7.93 -17.40 -11.51
N VAL B 221 8.83 -16.56 -10.99
CA VAL B 221 10.10 -17.03 -10.46
C VAL B 221 9.89 -17.86 -9.20
N ASP B 222 8.90 -17.50 -8.40
CA ASP B 222 8.61 -18.27 -7.19
C ASP B 222 8.08 -19.65 -7.58
N ASP B 223 7.30 -19.70 -8.65
CA ASP B 223 6.82 -20.96 -9.21
C ASP B 223 7.97 -21.85 -9.66
N LEU B 224 8.98 -21.25 -10.29
CA LEU B 224 10.14 -21.99 -10.77
C LEU B 224 10.97 -22.53 -9.63
N LEU B 225 11.03 -21.78 -8.54
CA LEU B 225 11.75 -22.23 -7.36
C LEU B 225 11.10 -23.49 -6.80
N GLU B 226 9.79 -23.57 -6.90
CA GLU B 226 9.08 -24.73 -6.39
C GLU B 226 9.27 -25.92 -7.31
N SER B 227 8.96 -25.75 -8.59
CA SER B 227 9.00 -26.85 -9.55
C SER B 227 10.39 -27.44 -9.68
N TYR B 228 11.42 -26.63 -9.48
CA TYR B 228 12.79 -27.08 -9.60
C TYR B 228 13.41 -27.50 -8.28
N MET B 229 13.21 -26.70 -7.25
CA MET B 229 13.92 -26.87 -5.99
C MET B 229 13.07 -27.29 -4.81
N GLY B 230 11.77 -27.38 -5.00
CA GLY B 230 10.89 -27.78 -3.91
C GLY B 230 10.77 -26.74 -2.81
N ILE B 231 11.05 -25.48 -3.16
CA ILE B 231 10.91 -24.37 -2.22
C ILE B 231 10.12 -23.20 -2.76
N ARG B 232 9.70 -22.34 -1.85
CA ARG B 232 9.23 -20.99 -2.18
C ARG B 232 9.90 -19.96 -1.28
N ASP B 233 10.16 -18.78 -1.83
CA ASP B 233 10.84 -17.70 -1.11
C ASP B 233 10.62 -16.42 -1.90
N THR B 234 9.60 -15.66 -1.54
CA THR B 234 9.26 -14.45 -2.28
C THR B 234 10.41 -13.44 -2.26
N GLU B 235 11.15 -13.41 -1.16
CA GLU B 235 12.27 -12.47 -1.05
C GLU B 235 13.33 -12.82 -2.07
N LEU B 236 13.64 -14.11 -2.17
CA LEU B 236 14.65 -14.58 -3.11
C LEU B 236 14.23 -14.37 -4.55
N ALA B 237 12.96 -14.68 -4.81
CA ALA B 237 12.34 -14.42 -6.10
C ALA B 237 12.51 -12.95 -6.50
N ALA B 238 12.21 -12.04 -5.57
CA ALA B 238 12.33 -10.61 -5.83
C ALA B 238 13.78 -10.24 -6.07
N THR B 239 14.67 -10.89 -5.32
CA THR B 239 16.10 -10.66 -5.43
C THR B 239 16.60 -11.04 -6.81
N MET B 240 16.11 -12.17 -7.31
CA MET B 240 16.49 -12.64 -8.64
C MET B 240 15.91 -11.74 -9.74
N VAL B 241 14.70 -11.24 -9.54
CA VAL B 241 14.09 -10.32 -10.51
C VAL B 241 14.89 -9.03 -10.60
N GLU B 242 15.20 -8.43 -9.46
CA GLU B 242 16.00 -7.21 -9.41
C GLU B 242 17.36 -7.46 -10.04
N LEU B 243 17.92 -8.63 -9.73
CA LEU B 243 19.25 -9.01 -10.15
C LEU B 243 19.38 -9.14 -11.66
N GLY B 244 18.39 -9.76 -12.27
CA GLY B 244 18.51 -10.13 -13.67
C GLY B 244 18.01 -9.13 -14.69
N LYS B 245 17.45 -8.01 -14.22
CA LYS B 245 16.74 -7.10 -15.11
C LYS B 245 17.63 -6.41 -16.14
N ASP B 246 18.84 -6.00 -15.74
CA ASP B 246 19.74 -5.39 -16.72
C ASP B 246 20.79 -6.40 -17.21
N LYS B 247 20.51 -7.69 -17.02
CA LYS B 247 21.26 -8.72 -17.72
C LYS B 247 20.65 -8.85 -19.10
N ARG B 248 21.46 -9.11 -20.11
CA ARG B 248 20.91 -9.10 -21.45
C ARG B 248 20.92 -10.46 -22.13
N ASN B 249 21.48 -11.46 -21.45
CA ASN B 249 21.38 -12.83 -21.92
C ASN B 249 21.42 -13.80 -20.74
N PRO B 250 20.93 -15.03 -20.94
CA PRO B 250 20.93 -16.02 -19.86
C PRO B 250 22.31 -16.31 -19.29
N ASP B 251 23.37 -15.98 -20.04
CA ASP B 251 24.73 -16.19 -19.55
C ASP B 251 25.13 -15.11 -18.56
N GLU B 252 24.69 -13.88 -18.80
CA GLU B 252 24.92 -12.80 -17.85
C GLU B 252 24.15 -13.10 -16.57
N LEU B 253 22.93 -13.60 -16.74
CA LEU B 253 22.09 -13.96 -15.62
C LEU B 253 22.72 -15.10 -14.83
N ALA B 254 23.14 -16.15 -15.51
CA ALA B 254 23.71 -17.34 -14.86
C ALA B 254 24.95 -16.99 -14.08
N GLU B 255 25.73 -16.06 -14.62
CA GLU B 255 26.90 -15.55 -13.93
C GLU B 255 26.50 -14.84 -12.65
N ALA B 256 25.36 -14.15 -12.71
CA ALA B 256 24.85 -13.39 -11.57
C ALA B 256 24.28 -14.32 -10.48
N LEU B 257 23.50 -15.32 -10.89
CA LEU B 257 22.99 -16.28 -9.91
C LEU B 257 24.13 -16.95 -9.16
N ASP B 258 25.20 -17.27 -9.86
CA ASP B 258 26.31 -17.99 -9.26
C ASP B 258 27.11 -17.11 -8.28
N GLU B 259 26.99 -15.79 -8.44
CA GLU B 259 27.74 -14.84 -7.62
C GLU B 259 27.37 -14.94 -6.13
N ARG B 260 26.17 -15.44 -5.84
CA ARG B 260 25.74 -15.61 -4.45
C ARG B 260 25.15 -17.00 -4.21
N LEU B 261 24.50 -17.56 -5.22
CA LEU B 261 23.61 -18.68 -4.98
C LEU B 261 24.11 -20.03 -5.48
N GLY B 262 25.43 -20.24 -5.44
CA GLY B 262 26.03 -21.46 -5.93
C GLY B 262 25.47 -22.73 -5.32
N ASP B 263 25.19 -22.70 -4.01
CA ASP B 263 24.77 -23.89 -3.27
C ASP B 263 23.43 -24.42 -3.74
N PHE B 264 22.62 -23.53 -4.31
CA PHE B 264 21.32 -23.90 -4.83
C PHE B 264 21.47 -24.89 -5.96
N ALA B 265 22.60 -24.79 -6.66
CA ALA B 265 22.92 -25.66 -7.78
C ALA B 265 21.81 -25.59 -8.80
N PHE B 266 21.54 -24.38 -9.26
CA PHE B 266 20.51 -24.16 -10.27
C PHE B 266 20.90 -24.84 -11.57
N PRO B 267 20.07 -25.81 -11.99
CA PRO B 267 20.24 -26.40 -13.32
C PRO B 267 20.04 -25.31 -14.39
N ASP B 268 20.82 -25.33 -15.47
CA ASP B 268 20.73 -24.22 -16.40
C ASP B 268 19.37 -24.05 -17.06
N GLU B 269 18.57 -25.11 -16.96
CA GLU B 269 17.19 -25.01 -17.43
C GLU B 269 16.39 -24.04 -16.55
N PHE B 270 16.71 -24.04 -15.26
CA PHE B 270 16.12 -23.07 -14.33
C PHE B 270 16.52 -21.64 -14.70
N VAL B 271 17.82 -21.44 -14.93
CA VAL B 271 18.34 -20.14 -15.38
C VAL B 271 17.64 -19.62 -16.63
N PHE B 272 17.58 -20.45 -17.67
CA PHE B 272 16.84 -20.10 -18.87
C PHE B 272 15.39 -19.77 -18.55
N ASP B 273 14.76 -20.62 -17.75
CA ASP B 273 13.37 -20.42 -17.34
C ASP B 273 13.21 -19.09 -16.62
N VAL B 274 14.09 -18.81 -15.69
CA VAL B 274 14.05 -17.56 -14.95
C VAL B 274 14.28 -16.38 -15.89
N TRP B 275 15.24 -16.55 -16.80
CA TRP B 275 15.56 -15.54 -17.79
C TRP B 275 14.34 -15.09 -18.60
N GLY B 276 13.53 -16.05 -19.03
CA GLY B 276 12.31 -15.74 -19.77
C GLY B 276 11.25 -15.15 -18.87
N ALA B 277 11.29 -15.52 -17.60
CA ALA B 277 10.25 -15.15 -16.64
C ALA B 277 10.30 -13.67 -16.30
N ILE B 278 11.49 -13.08 -16.40
CA ILE B 278 11.67 -11.70 -15.98
C ILE B 278 11.69 -10.72 -17.15
N GLY B 279 11.10 -11.10 -18.27
CA GLY B 279 11.15 -10.26 -19.45
C GLY B 279 9.85 -9.63 -19.91
N ASP B 280 9.97 -8.77 -20.92
CA ASP B 280 8.84 -8.04 -21.50
C ASP B 280 7.80 -8.98 -22.10
#